data_7DJX
#
_entry.id   7DJX
#
_cell.length_a   73.535
_cell.length_b   73.535
_cell.length_c   94.804
_cell.angle_alpha   90.00
_cell.angle_beta   90.00
_cell.angle_gamma   90.00
#
_symmetry.space_group_name_H-M   'P 41 21 2'
#
loop_
_entity.id
_entity.type
_entity.pdbx_description
1 polymer 'Clec4f Nanobody 246'
2 water water
#
_entity_poly.entity_id   1
_entity_poly.type   'polypeptide(L)'
_entity_poly.pdbx_seq_one_letter_code
;QVQLVESGGGLVQAGGSLRLSCAASGRTFSSYAMGWFRQAPGKERECVAAMDWSTSATYYADSVKGRFTISRDNAKNTVY
LQMNSLKPEDTAVYYCAADLDYSDYGPFPGDMDYWGKGTQVTVSSHHHHHH
;
_entity_poly.pdbx_strand_id   A
#
# COMPACT_ATOMS: atom_id res chain seq x y z
N GLN A 1 -18.55 5.41 -10.48
CA GLN A 1 -18.13 5.39 -9.06
C GLN A 1 -16.62 5.16 -8.94
N VAL A 2 -15.96 5.91 -8.06
CA VAL A 2 -14.53 5.75 -7.82
C VAL A 2 -14.27 4.48 -7.00
N GLN A 3 -13.31 3.66 -7.46
CA GLN A 3 -12.92 2.42 -6.77
C GLN A 3 -11.42 2.29 -6.78
N LEU A 4 -10.86 1.78 -5.67
CA LEU A 4 -9.48 1.34 -5.59
C LEU A 4 -9.54 -0.13 -5.24
N VAL A 5 -8.99 -0.99 -6.10
CA VAL A 5 -9.09 -2.44 -5.91
C VAL A 5 -7.70 -3.03 -5.86
N GLU A 6 -7.39 -3.67 -4.72
CA GLU A 6 -6.08 -4.28 -4.50
C GLU A 6 -6.09 -5.69 -5.04
N SER A 7 -4.94 -6.15 -5.56
CA SER A 7 -4.75 -7.55 -5.88
C SER A 7 -3.28 -7.88 -5.71
N GLY A 8 -2.90 -9.14 -5.99
CA GLY A 8 -1.51 -9.58 -5.87
C GLY A 8 -1.07 -10.01 -4.46
N GLY A 9 -2.04 -10.17 -3.55
CA GLY A 9 -1.76 -10.52 -2.18
C GLY A 9 -1.85 -12.02 -2.01
N GLY A 10 -2.30 -12.46 -0.83
CA GLY A 10 -2.48 -13.87 -0.54
C GLY A 10 -1.32 -14.40 0.27
N LEU A 11 -1.12 -15.70 0.16
CA LEU A 11 -0.19 -16.45 0.98
C LEU A 11 1.18 -16.41 0.34
N VAL A 12 2.22 -16.28 1.15
CA VAL A 12 3.60 -16.30 0.69
C VAL A 12 4.42 -16.79 1.86
N GLN A 13 5.49 -17.52 1.55
CA GLN A 13 6.42 -18.04 2.54
C GLN A 13 7.32 -16.92 3.01
N ALA A 14 7.70 -16.95 4.28
CA ALA A 14 8.65 -16.01 4.85
C ALA A 14 9.89 -15.95 3.97
N GLY A 15 10.40 -14.73 3.74
CA GLY A 15 11.56 -14.49 2.92
C GLY A 15 11.18 -14.21 1.47
N GLY A 16 9.94 -14.58 1.11
CA GLY A 16 9.40 -14.37 -0.22
C GLY A 16 8.94 -12.93 -0.48
N SER A 17 8.45 -12.71 -1.70
CA SER A 17 8.02 -11.42 -2.17
C SER A 17 6.61 -11.51 -2.70
N LEU A 18 5.92 -10.37 -2.66
CA LEU A 18 4.66 -10.17 -3.34
C LEU A 18 4.74 -8.80 -3.95
N ARG A 19 3.97 -8.61 -5.02
CA ARG A 19 3.80 -7.29 -5.62
C ARG A 19 2.32 -7.00 -5.60
N LEU A 20 1.89 -6.11 -4.70
CA LEU A 20 0.52 -5.68 -4.66
C LEU A 20 0.29 -4.70 -5.80
N SER A 21 -0.92 -4.77 -6.33
CA SER A 21 -1.38 -3.90 -7.38
C SER A 21 -2.67 -3.27 -6.92
N CYS A 22 -2.81 -1.95 -7.13
CA CYS A 22 -4.05 -1.26 -6.86
C CYS A 22 -4.56 -0.65 -8.15
N ALA A 23 -5.69 -1.15 -8.64
CA ALA A 23 -6.33 -0.59 -9.83
C ALA A 23 -7.27 0.50 -9.35
N ALA A 24 -7.00 1.74 -9.77
CA ALA A 24 -7.81 2.90 -9.40
C ALA A 24 -8.62 3.32 -10.60
N SER A 25 -9.95 3.43 -10.43
CA SER A 25 -10.85 3.70 -11.53
C SER A 25 -11.89 4.75 -11.17
N GLY A 26 -12.41 5.44 -12.19
CA GLY A 26 -13.60 6.27 -12.08
C GLY A 26 -13.37 7.75 -11.99
N ARG A 27 -12.12 8.18 -11.95
CA ARG A 27 -11.75 9.61 -11.96
C ARG A 27 -10.28 9.73 -12.30
N THR A 28 -9.80 10.97 -12.43
CA THR A 28 -8.39 11.27 -12.66
C THR A 28 -7.61 11.18 -11.35
N PHE A 29 -6.55 10.38 -11.34
CA PHE A 29 -5.76 10.12 -10.15
C PHE A 29 -4.34 10.66 -10.19
N SER A 30 -3.96 11.26 -11.33
CA SER A 30 -2.58 11.69 -11.54
C SER A 30 -2.21 12.86 -10.62
N SER A 31 -3.22 13.61 -10.14
CA SER A 31 -3.04 14.65 -9.13
C SER A 31 -3.42 14.22 -7.70
N TYR A 32 -3.51 12.90 -7.46
CA TYR A 32 -3.64 12.32 -6.13
C TYR A 32 -2.33 11.67 -5.72
N ALA A 33 -1.95 11.87 -4.46
CA ALA A 33 -0.91 11.07 -3.83
C ALA A 33 -1.52 9.71 -3.52
N MET A 34 -0.74 8.65 -3.66
CA MET A 34 -1.25 7.31 -3.47
C MET A 34 -0.41 6.65 -2.42
N GLY A 35 -1.02 5.73 -1.67
CA GLY A 35 -0.31 4.99 -0.66
C GLY A 35 -0.93 3.66 -0.30
N TRP A 36 -0.23 2.97 0.60
CA TRP A 36 -0.61 1.68 1.11
C TRP A 36 -0.64 1.76 2.62
N PHE A 37 -1.69 1.18 3.20
CA PHE A 37 -1.86 0.99 4.62
C PHE A 37 -2.01 -0.50 4.87
N ARG A 38 -1.78 -0.91 6.13
CA ARG A 38 -2.02 -2.28 6.49
C ARG A 38 -2.50 -2.36 7.91
N GLN A 39 -3.31 -3.38 8.19
CA GLN A 39 -3.81 -3.64 9.52
C GLN A 39 -3.94 -5.12 9.76
N ALA A 40 -3.29 -5.59 10.83
CA ALA A 40 -3.51 -6.94 11.33
C ALA A 40 -4.59 -6.85 12.39
N PRO A 41 -5.44 -7.88 12.58
CA PRO A 41 -6.43 -7.87 13.67
C PRO A 41 -5.78 -7.55 15.00
N GLY A 42 -6.45 -6.72 15.80
CA GLY A 42 -6.02 -6.39 17.13
C GLY A 42 -4.95 -5.34 17.14
N LYS A 43 -4.62 -4.79 15.97
CA LYS A 43 -3.57 -3.80 15.86
C LYS A 43 -4.12 -2.62 15.09
N GLU A 44 -3.50 -1.46 15.31
CA GLU A 44 -3.92 -0.28 14.59
C GLU A 44 -3.46 -0.36 13.13
N ARG A 45 -4.23 0.27 12.25
CA ARG A 45 -3.87 0.42 10.87
C ARG A 45 -2.73 1.44 10.80
N GLU A 46 -1.74 1.16 9.95
CA GLU A 46 -0.59 2.01 9.79
C GLU A 46 -0.33 2.24 8.30
N CYS A 47 0.26 3.40 8.02
CA CYS A 47 0.71 3.73 6.69
C CYS A 47 2.06 3.02 6.48
N VAL A 48 2.08 2.18 5.44
CA VAL A 48 3.24 1.43 5.03
C VAL A 48 4.10 2.22 4.03
N ALA A 49 3.45 2.87 3.07
CA ALA A 49 4.14 3.55 1.98
C ALA A 49 3.24 4.56 1.33
N ALA A 50 3.84 5.59 0.77
CA ALA A 50 3.11 6.60 0.02
C ALA A 50 4.05 7.33 -0.96
N MET A 51 3.45 7.95 -1.98
CA MET A 51 4.21 8.70 -2.97
C MET A 51 3.39 9.92 -3.38
N ASP A 52 4.09 11.04 -3.48
CA ASP A 52 3.47 12.30 -3.82
C ASP A 52 3.17 12.29 -5.31
N TRP A 53 2.26 13.16 -5.73
CA TRP A 53 2.01 13.38 -7.15
C TRP A 53 2.76 14.59 -7.68
N SER A 54 2.82 15.66 -6.88
CA SER A 54 3.43 16.94 -7.30
C SER A 54 4.96 16.93 -7.21
N THR A 55 5.54 15.94 -6.50
CA THR A 55 6.98 15.72 -6.46
C THR A 55 7.16 14.22 -6.45
N SER A 56 8.41 13.76 -6.44
CA SER A 56 8.69 12.33 -6.38
C SER A 56 9.05 11.86 -4.95
N ALA A 57 8.61 12.62 -3.95
CA ALA A 57 8.78 12.22 -2.56
C ALA A 57 8.00 10.94 -2.30
N THR A 58 8.62 10.03 -1.54
CA THR A 58 8.00 8.80 -1.09
C THR A 58 8.19 8.71 0.42
N TYR A 59 7.26 8.01 1.08
CA TYR A 59 7.32 7.70 2.50
C TYR A 59 7.20 6.19 2.69
N TYR A 60 7.99 5.65 3.62
CA TYR A 60 7.93 4.26 4.08
C TYR A 60 7.99 4.19 5.59
N ALA A 61 7.13 3.36 6.18
CA ALA A 61 7.22 3.07 7.60
C ALA A 61 8.58 2.48 7.86
N ASP A 62 9.14 2.77 9.04
CA ASP A 62 10.46 2.29 9.41
C ASP A 62 10.62 0.78 9.25
N SER A 63 9.58 0.03 9.65
CA SER A 63 9.63 -1.43 9.62
C SER A 63 9.75 -2.05 8.24
N VAL A 64 9.54 -1.26 7.17
CA VAL A 64 9.57 -1.77 5.79
C VAL A 64 10.64 -1.15 4.89
N LYS A 65 11.33 -0.12 5.39
CA LYS A 65 12.39 0.52 4.63
C LYS A 65 13.39 -0.51 4.11
N GLY A 66 13.76 -0.39 2.83
CA GLY A 66 14.67 -1.32 2.21
C GLY A 66 14.03 -2.62 1.73
N ARG A 67 12.75 -2.83 2.08
CA ARG A 67 12.06 -4.06 1.72
C ARG A 67 10.90 -3.82 0.76
N PHE A 68 10.20 -2.70 0.95
CA PHE A 68 8.99 -2.37 0.19
C PHE A 68 9.34 -1.18 -0.70
N THR A 69 8.74 -1.16 -1.89
CA THR A 69 8.93 -0.06 -2.85
C THR A 69 7.59 0.23 -3.45
N ILE A 70 7.14 1.48 -3.30
CA ILE A 70 5.90 1.93 -3.93
C ILE A 70 6.28 2.56 -5.27
N SER A 71 5.42 2.37 -6.26
CA SER A 71 5.54 3.01 -7.56
C SER A 71 4.12 3.07 -8.13
N ARG A 72 3.98 3.81 -9.24
CA ARG A 72 2.69 3.94 -9.89
C ARG A 72 2.87 4.04 -11.37
N ASP A 73 1.77 3.84 -12.08
CA ASP A 73 1.74 3.98 -13.52
C ASP A 73 0.45 4.70 -13.85
N ASN A 74 0.57 5.97 -14.25
CA ASN A 74 -0.59 6.83 -14.47
C ASN A 74 -1.42 6.38 -15.65
N ALA A 75 -0.76 5.92 -16.71
CA ALA A 75 -1.44 5.42 -17.90
C ALA A 75 -2.31 4.21 -17.55
N LYS A 76 -1.81 3.33 -16.67
CA LYS A 76 -2.56 2.14 -16.23
C LYS A 76 -3.52 2.38 -15.07
N ASN A 77 -3.48 3.59 -14.50
CA ASN A 77 -4.20 3.91 -13.28
C ASN A 77 -3.94 2.89 -12.18
N THR A 78 -2.69 2.48 -12.03
CA THR A 78 -2.30 1.51 -11.03
C THR A 78 -1.23 2.04 -10.11
N VAL A 79 -1.24 1.53 -8.88
CA VAL A 79 -0.23 1.76 -7.88
C VAL A 79 0.23 0.39 -7.43
N TYR A 80 1.53 0.25 -7.19
CA TYR A 80 2.15 -1.01 -6.86
C TYR A 80 2.82 -0.93 -5.51
N LEU A 81 2.90 -2.07 -4.82
CA LEU A 81 3.76 -2.20 -3.67
C LEU A 81 4.55 -3.47 -3.84
N GLN A 82 5.83 -3.33 -4.15
CA GLN A 82 6.77 -4.42 -4.21
C GLN A 82 7.15 -4.68 -2.77
N MET A 83 6.90 -5.91 -2.31
CA MET A 83 7.17 -6.30 -0.93
C MET A 83 8.11 -7.49 -0.93
N ASN A 84 9.35 -7.24 -0.48
CA ASN A 84 10.41 -8.25 -0.41
C ASN A 84 10.76 -8.66 1.03
N SER A 85 11.48 -9.80 1.14
CA SER A 85 11.99 -10.33 2.40
C SER A 85 10.87 -10.30 3.46
N LEU A 86 9.71 -10.84 3.07
CA LEU A 86 8.53 -10.81 3.91
C LEU A 86 8.71 -11.68 5.17
N LYS A 87 8.17 -11.18 6.29
CA LYS A 87 8.24 -11.82 7.59
C LYS A 87 6.80 -11.99 8.09
N PRO A 88 6.54 -12.90 9.06
CA PRO A 88 5.21 -13.05 9.62
C PRO A 88 4.58 -11.75 10.12
N GLU A 89 5.37 -10.83 10.66
CA GLU A 89 4.86 -9.54 11.12
C GLU A 89 4.32 -8.66 10.00
N ASP A 90 4.57 -9.02 8.74
CA ASP A 90 3.97 -8.33 7.60
C ASP A 90 2.56 -8.81 7.26
N THR A 91 2.10 -9.87 7.93
CA THR A 91 0.77 -10.41 7.70
C THR A 91 -0.26 -9.34 8.10
N ALA A 92 -1.23 -9.07 7.22
CA ALA A 92 -2.21 -8.02 7.43
C ALA A 92 -3.11 -7.92 6.23
N VAL A 93 -4.20 -7.17 6.41
CA VAL A 93 -4.98 -6.66 5.31
C VAL A 93 -4.25 -5.38 4.82
N TYR A 94 -3.89 -5.35 3.53
CA TYR A 94 -3.29 -4.19 2.88
C TYR A 94 -4.31 -3.41 2.12
N TYR A 95 -4.33 -2.11 2.35
CA TYR A 95 -5.27 -1.19 1.74
C TYR A 95 -4.54 -0.17 0.90
N CYS A 96 -5.04 0.01 -0.32
CA CYS A 96 -4.67 1.08 -1.21
C CYS A 96 -5.50 2.30 -0.82
N ALA A 97 -4.90 3.48 -0.91
CA ALA A 97 -5.58 4.72 -0.55
C ALA A 97 -5.05 5.85 -1.39
N ALA A 98 -5.95 6.79 -1.71
CA ALA A 98 -5.64 7.97 -2.49
C ALA A 98 -6.02 9.20 -1.70
N ASP A 99 -5.20 10.24 -1.83
CA ASP A 99 -5.43 11.51 -1.16
C ASP A 99 -4.80 12.65 -1.98
N LEU A 100 -5.52 13.77 -2.06
CA LEU A 100 -5.01 14.97 -2.72
C LEU A 100 -3.80 15.55 -2.01
N ASP A 101 -3.67 15.22 -0.72
CA ASP A 101 -2.67 15.81 0.14
C ASP A 101 -1.68 14.77 0.61
N TYR A 102 -0.48 14.79 0.03
CA TYR A 102 0.58 13.86 0.37
C TYR A 102 0.99 13.96 1.84
N SER A 103 0.81 15.12 2.46
CA SER A 103 1.13 15.28 3.87
C SER A 103 0.17 14.51 4.78
N ASP A 104 -0.93 13.96 4.24
CA ASP A 104 -1.81 13.07 5.00
C ASP A 104 -1.28 11.65 5.24
N TYR A 105 -0.17 11.29 4.60
CA TYR A 105 0.63 10.08 4.91
C TYR A 105 1.77 10.72 5.70
N GLY A 106 2.37 10.11 6.73
CA GLY A 106 2.49 8.69 7.00
C GLY A 106 2.32 8.25 8.46
N PRO A 107 3.24 8.53 9.43
CA PRO A 107 3.15 7.93 10.77
C PRO A 107 2.00 8.44 11.66
N PHE A 108 1.50 9.63 11.38
CA PHE A 108 0.29 10.14 11.99
C PHE A 108 -0.60 10.58 10.84
N PRO A 109 -1.18 9.62 10.10
CA PRO A 109 -1.91 9.95 8.87
C PRO A 109 -3.18 10.72 9.12
N GLY A 110 -3.62 11.48 8.12
CA GLY A 110 -4.93 12.09 8.12
C GLY A 110 -5.85 11.08 7.49
N ASP A 111 -7.11 11.46 7.26
CA ASP A 111 -8.00 10.57 6.58
C ASP A 111 -7.80 10.72 5.08
N MET A 112 -7.99 9.61 4.37
CA MET A 112 -7.76 9.51 2.95
C MET A 112 -9.01 9.89 2.22
N ASP A 113 -8.88 10.34 0.97
CA ASP A 113 -10.02 10.70 0.15
C ASP A 113 -10.74 9.43 -0.34
N TYR A 114 -9.95 8.40 -0.69
CA TYR A 114 -10.51 7.11 -1.07
C TYR A 114 -9.71 5.96 -0.50
N TRP A 115 -10.42 4.89 -0.15
CA TRP A 115 -9.89 3.69 0.45
C TRP A 115 -10.29 2.53 -0.43
N GLY A 116 -9.35 1.62 -0.69
CA GLY A 116 -9.69 0.31 -1.21
C GLY A 116 -10.31 -0.55 -0.12
N LYS A 117 -10.93 -1.66 -0.52
CA LYS A 117 -11.56 -2.59 0.39
C LYS A 117 -10.53 -3.40 1.16
N GLY A 118 -9.34 -3.55 0.58
CA GLY A 118 -8.22 -4.25 1.19
C GLY A 118 -8.07 -5.66 0.68
N THR A 119 -6.85 -6.19 0.74
CA THR A 119 -6.60 -7.58 0.43
C THR A 119 -5.69 -8.18 1.49
N GLN A 120 -5.98 -9.44 1.82
CA GLN A 120 -5.20 -10.18 2.80
C GLN A 120 -3.85 -10.58 2.23
N VAL A 121 -2.81 -10.34 3.04
CA VAL A 121 -1.49 -10.88 2.84
C VAL A 121 -1.17 -11.69 4.08
N THR A 122 -0.71 -12.93 3.85
CA THR A 122 -0.38 -13.86 4.92
C THR A 122 0.98 -14.46 4.63
N VAL A 123 1.94 -14.17 5.51
CA VAL A 123 3.30 -14.62 5.42
C VAL A 123 3.47 -15.67 6.50
N SER A 124 3.75 -16.91 6.09
CA SER A 124 3.92 -17.99 7.06
C SER A 124 5.37 -18.42 7.04
N SER A 125 5.84 -18.94 8.17
CA SER A 125 7.13 -19.61 8.22
C SER A 125 6.83 -21.08 8.43
N HIS A 126 7.86 -21.91 8.22
CA HIS A 126 7.74 -23.35 8.45
C HIS A 126 9.06 -23.81 9.03
N HIS A 127 9.00 -24.48 10.18
CA HIS A 127 10.18 -25.07 10.83
C HIS A 127 9.85 -26.50 11.20
#